data_4HLY
#
_entry.id   4HLY
#
_cell.length_a   38.536
_cell.length_b   38.577
_cell.length_c   48.562
_cell.angle_alpha   91.32
_cell.angle_beta   88.48
_cell.angle_gamma   63.13
#
_symmetry.space_group_name_H-M   'P 1'
#
loop_
_entity.id
_entity.type
_entity.pdbx_description
1 polymer K9
2 polymer "5'-D(*GP*CP*GP*TP*CP*GP*AP*GP*AP*CP*GP*C)-3'"
3 water water
#
loop_
_entity_poly.entity_id
_entity_poly.type
_entity_poly.pdbx_seq_one_letter_code
_entity_poly.pdbx_strand_id
1 'polypeptide(L)'
;MHHHHHHSSGVDLGTENLYFQSMGKASIKDWIVCQVNSGKFPGVEWEDEERTRFRIPVTPLADPCFEWRRDGELGVVYIR
ERGNMPVDASFKGTRGRRRMLAALRRTRGLQEIGKGISQDGHHFLVFRVRKP
;
A,B
2 'polydeoxyribonucleotide' (DG)(DC)(DG)(DT)(DC)(DG)(DA)(DG)(DA)(DC)(DG)(DC) C,D
#
# COMPACT_ATOMS: atom_id res chain seq x y z
N LYS A 25 -4.36 0.18 -13.49
CA LYS A 25 -5.80 0.07 -13.08
C LYS A 25 -6.11 -1.33 -12.55
N ALA A 26 -5.86 -1.55 -11.27
CA ALA A 26 -6.20 -2.82 -10.62
C ALA A 26 -7.69 -2.86 -10.28
N SER A 27 -8.22 -4.07 -10.04
CA SER A 27 -9.62 -4.24 -9.64
C SER A 27 -9.88 -3.60 -8.27
N ILE A 28 -11.13 -3.27 -7.98
CA ILE A 28 -11.48 -2.66 -6.69
C ILE A 28 -11.11 -3.62 -5.55
N LYS A 29 -11.44 -4.89 -5.74
CA LYS A 29 -11.12 -5.92 -4.75
C LYS A 29 -9.61 -5.95 -4.47
N ASP A 30 -8.80 -6.00 -5.52
CA ASP A 30 -7.35 -6.00 -5.34
C ASP A 30 -6.85 -4.69 -4.74
N TRP A 31 -7.46 -3.58 -5.14
CA TRP A 31 -7.10 -2.26 -4.62
C TRP A 31 -7.31 -2.17 -3.11
N ILE A 32 -8.49 -2.54 -2.63
CA ILE A 32 -8.79 -2.47 -1.19
C ILE A 32 -7.98 -3.49 -0.39
N VAL A 33 -7.80 -4.69 -0.93
CA VAL A 33 -6.99 -5.71 -0.27
C VAL A 33 -5.57 -5.20 -0.03
N CYS A 34 -4.99 -4.51 -1.02
N CYS A 34 -5.03 -4.51 -1.05
CA CYS A 34 -3.67 -3.93 -0.83
CA CYS A 34 -3.73 -3.83 -1.01
C CYS A 34 -3.65 -2.80 0.19
C CYS A 34 -3.65 -2.77 0.09
N GLN A 35 -4.72 -2.00 0.24
CA GLN A 35 -4.81 -0.93 1.24
C GLN A 35 -4.85 -1.47 2.68
N VAL A 36 -5.65 -2.52 2.88
CA VAL A 36 -5.75 -3.17 4.18
C VAL A 36 -4.42 -3.83 4.55
N ASN A 37 -3.85 -4.57 3.60
CA ASN A 37 -2.55 -5.20 3.79
C ASN A 37 -1.47 -4.20 4.18
N SER A 38 -1.51 -3.01 3.60
CA SER A 38 -0.43 -2.02 3.74
C SER A 38 -0.18 -1.60 5.19
N GLY A 39 -1.22 -1.61 6.00
CA GLY A 39 -1.14 -1.12 7.38
C GLY A 39 -0.95 0.39 7.44
N LYS A 40 -1.16 1.08 6.33
CA LYS A 40 -0.95 2.53 6.28
C LYS A 40 -1.99 3.31 7.08
N PHE A 41 -3.19 2.75 7.20
CA PHE A 41 -4.29 3.44 7.87
C PHE A 41 -4.73 2.67 9.10
N PRO A 42 -4.68 3.30 10.28
CA PRO A 42 -5.13 2.64 11.51
C PRO A 42 -6.60 2.28 11.40
N GLY A 43 -6.97 1.08 11.84
CA GLY A 43 -8.37 0.64 11.77
C GLY A 43 -8.80 0.05 10.44
N VAL A 44 -8.03 0.30 9.38
CA VAL A 44 -8.24 -0.35 8.10
C VAL A 44 -7.41 -1.63 8.17
N GLU A 45 -8.05 -2.71 8.60
CA GLU A 45 -7.33 -3.88 9.08
C GLU A 45 -8.09 -5.18 8.88
N TRP A 46 -7.35 -6.29 8.86
CA TRP A 46 -7.95 -7.62 8.82
C TRP A 46 -8.47 -8.02 10.19
N GLU A 47 -9.55 -8.80 10.21
CA GLU A 47 -10.07 -9.37 11.44
C GLU A 47 -9.38 -10.69 11.74
N ASP A 48 -8.98 -11.38 10.68
CA ASP A 48 -8.52 -12.76 10.79
C ASP A 48 -7.18 -12.99 10.08
N GLU A 49 -6.50 -14.07 10.48
CA GLU A 49 -5.22 -14.48 9.91
C GLU A 49 -5.37 -14.86 8.44
N GLU A 50 -6.54 -15.39 8.10
CA GLU A 50 -6.85 -15.88 6.76
C GLU A 50 -7.13 -14.74 5.78
N ARG A 51 -7.24 -13.52 6.33
CA ARG A 51 -7.47 -12.30 5.56
C ARG A 51 -8.69 -12.42 4.66
N THR A 52 -9.82 -12.77 5.27
CA THR A 52 -11.07 -12.88 4.54
C THR A 52 -12.04 -11.78 4.97
N ARG A 53 -11.78 -11.16 6.12
CA ARG A 53 -12.66 -10.15 6.67
C ARG A 53 -11.87 -8.91 7.06
N PHE A 54 -12.29 -7.75 6.56
CA PHE A 54 -11.62 -6.51 6.93
C PHE A 54 -12.56 -5.42 7.45
N ARG A 55 -11.99 -4.48 8.19
CA ARG A 55 -12.76 -3.37 8.74
C ARG A 55 -12.46 -2.07 8.00
N ILE A 56 -13.50 -1.27 7.82
CA ILE A 56 -13.39 0.09 7.28
C ILE A 56 -13.97 1.04 8.31
N PRO A 57 -13.13 1.88 8.93
CA PRO A 57 -13.60 2.88 9.89
C PRO A 57 -14.52 3.90 9.25
N VAL A 58 -15.66 4.16 9.89
CA VAL A 58 -16.69 5.06 9.36
C VAL A 58 -17.25 6.01 10.41
N THR A 59 -16.39 6.46 11.33
CA THR A 59 -16.82 7.36 12.39
C THR A 59 -17.32 8.66 11.76
N PRO A 60 -18.52 9.12 12.17
CA PRO A 60 -19.01 10.39 11.66
C PRO A 60 -18.05 11.53 11.98
N LEU A 61 -17.99 12.50 11.08
CA LEU A 61 -17.13 13.66 11.24
C LEU A 61 -17.45 14.43 12.52
N ALA A 62 -18.72 14.38 12.93
CA ALA A 62 -19.22 15.12 14.09
C ALA A 62 -18.94 14.43 15.43
N ASP A 63 -18.56 13.14 15.39
CA ASP A 63 -18.25 12.36 16.58
C ASP A 63 -16.93 12.85 17.20
N PRO A 64 -16.89 12.99 18.55
CA PRO A 64 -15.64 13.36 19.23
C PRO A 64 -14.47 12.37 19.09
N CYS A 65 -14.72 11.16 18.61
N CYS A 65 -14.78 11.18 18.57
CA CYS A 65 -13.59 10.23 18.46
CA CYS A 65 -13.80 10.10 18.40
C CYS A 65 -13.17 10.02 17.00
C CYS A 65 -13.16 10.04 17.01
N PHE A 66 -13.68 10.84 16.09
CA PHE A 66 -13.20 10.88 14.70
C PHE A 66 -11.70 11.18 14.67
N GLU A 67 -10.95 10.34 13.97
CA GLU A 67 -9.51 10.56 13.79
C GLU A 67 -9.18 10.52 12.29
N TRP A 68 -8.56 11.60 11.78
CA TRP A 68 -8.32 11.72 10.33
C TRP A 68 -7.67 10.49 9.68
N ARG A 69 -6.53 10.06 10.21
CA ARG A 69 -5.78 8.96 9.61
C ARG A 69 -6.57 7.64 9.56
N ARG A 70 -7.47 7.48 10.53
N ARG A 70 -7.52 7.49 10.47
CA ARG A 70 -8.33 6.31 10.68
CA ARG A 70 -8.33 6.29 10.55
C ARG A 70 -9.63 6.38 9.87
C ARG A 70 -9.61 6.43 9.73
N ASP A 71 -10.36 7.49 10.02
CA ASP A 71 -11.71 7.66 9.48
C ASP A 71 -11.83 8.48 8.19
N GLY A 72 -10.77 9.18 7.82
CA GLY A 72 -10.84 10.13 6.72
C GLY A 72 -9.90 9.90 5.56
N GLU A 73 -8.66 9.50 5.85
CA GLU A 73 -7.59 9.48 4.84
C GLU A 73 -7.81 8.47 3.71
N LEU A 74 -8.25 7.26 4.05
CA LEU A 74 -8.48 6.23 3.03
C LEU A 74 -9.45 6.70 1.94
N GLY A 75 -10.51 7.38 2.34
CA GLY A 75 -11.47 7.96 1.40
C GLY A 75 -10.84 8.92 0.40
N VAL A 76 -9.91 9.73 0.89
CA VAL A 76 -9.17 10.67 0.04
C VAL A 76 -8.25 9.92 -0.93
N VAL A 77 -7.58 8.88 -0.42
CA VAL A 77 -6.69 8.05 -1.24
C VAL A 77 -7.49 7.35 -2.35
N TYR A 78 -8.70 6.90 -2.03
CA TYR A 78 -9.59 6.34 -3.05
C TYR A 78 -9.89 7.33 -4.17
N ILE A 79 -10.26 8.55 -3.79
CA ILE A 79 -10.68 9.53 -4.80
C ILE A 79 -9.51 10.05 -5.63
N ARG A 80 -8.31 10.09 -5.04
CA ARG A 80 -7.09 10.46 -5.75
C ARG A 80 -6.65 9.37 -6.72
N GLU A 81 -6.84 8.12 -6.33
CA GLU A 81 -6.36 6.97 -7.11
C GLU A 81 -7.38 6.40 -8.11
N ARG A 82 -8.67 6.58 -7.83
CA ARG A 82 -9.72 5.95 -8.65
C ARG A 82 -10.70 6.93 -9.27
N GLY A 83 -10.89 8.07 -8.60
CA GLY A 83 -11.85 9.08 -9.03
C GLY A 83 -11.44 9.77 -10.32
N ASN A 84 -12.42 10.36 -10.99
CA ASN A 84 -12.20 10.98 -12.29
C ASN A 84 -12.52 12.47 -12.28
N MET A 85 -12.27 13.11 -11.14
CA MET A 85 -12.54 14.53 -10.92
C MET A 85 -11.44 15.17 -10.06
N PRO A 86 -11.23 16.50 -10.19
CA PRO A 86 -10.22 17.15 -9.34
C PRO A 86 -10.50 17.02 -7.85
N VAL A 87 -9.46 16.73 -7.08
CA VAL A 87 -9.59 16.55 -5.63
C VAL A 87 -9.39 17.88 -4.90
N ASP A 88 -10.51 18.56 -4.66
CA ASP A 88 -10.52 19.90 -4.06
C ASP A 88 -10.84 19.87 -2.56
N ALA A 89 -11.08 21.04 -1.98
CA ALA A 89 -11.32 21.17 -0.54
C ALA A 89 -12.59 20.46 -0.03
N SER A 90 -13.55 20.24 -0.93
CA SER A 90 -14.79 19.54 -0.56
C SER A 90 -14.54 18.09 -0.10
N PHE A 91 -13.30 17.62 -0.28
CA PHE A 91 -12.91 16.27 0.16
C PHE A 91 -12.14 16.26 1.49
N LYS A 92 -12.10 17.39 2.21
CA LYS A 92 -11.41 17.48 3.50
C LYS A 92 -12.15 16.79 4.66
N GLY A 93 -13.27 16.16 4.34
CA GLY A 93 -14.09 15.47 5.35
C GLY A 93 -14.31 14.03 4.96
N THR A 94 -15.56 13.70 4.63
CA THR A 94 -15.94 12.32 4.35
C THR A 94 -16.49 12.10 2.93
N ARG A 95 -16.40 13.11 2.07
CA ARG A 95 -16.94 12.98 0.72
C ARG A 95 -16.31 11.82 -0.07
N GLY A 96 -14.99 11.70 0.01
CA GLY A 96 -14.28 10.60 -0.64
C GLY A 96 -14.59 9.24 -0.03
N ARG A 97 -14.82 9.25 1.28
CA ARG A 97 -15.16 8.02 2.01
C ARG A 97 -16.49 7.44 1.56
N ARG A 98 -17.52 8.28 1.46
CA ARG A 98 -18.83 7.88 0.93
C ARG A 98 -18.67 7.22 -0.42
N ARG A 99 -17.87 7.85 -1.29
CA ARG A 99 -17.68 7.35 -2.64
C ARG A 99 -16.98 6.00 -2.64
N MET A 100 -16.00 5.87 -1.77
CA MET A 100 -15.24 4.64 -1.66
C MET A 100 -16.11 3.48 -1.19
N LEU A 101 -16.94 3.73 -0.19
CA LEU A 101 -17.83 2.71 0.34
C LEU A 101 -18.79 2.18 -0.71
N ALA A 102 -19.32 3.08 -1.54
CA ALA A 102 -20.20 2.71 -2.63
C ALA A 102 -19.48 1.80 -3.62
N ALA A 103 -18.20 2.08 -3.87
CA ALA A 103 -17.38 1.27 -4.75
C ALA A 103 -17.18 -0.15 -4.18
N LEU A 104 -16.93 -0.25 -2.88
CA LEU A 104 -16.71 -1.53 -2.22
C LEU A 104 -17.96 -2.40 -2.22
N ARG A 105 -19.12 -1.78 -2.01
CA ARG A 105 -20.39 -2.50 -1.95
C ARG A 105 -20.80 -3.09 -3.30
N ARG A 106 -20.49 -2.39 -4.38
CA ARG A 106 -20.91 -2.78 -5.74
C ARG A 106 -19.88 -3.68 -6.46
N THR A 107 -18.88 -4.12 -5.69
CA THR A 107 -17.83 -4.99 -6.20
C THR A 107 -18.26 -6.41 -5.91
N ARG A 108 -18.20 -7.29 -6.90
CA ARG A 108 -18.72 -8.63 -6.73
C ARG A 108 -17.77 -9.52 -5.92
N GLY A 109 -16.52 -9.06 -5.79
CA GLY A 109 -15.54 -9.73 -4.93
C GLY A 109 -15.70 -9.47 -3.44
N LEU A 110 -16.58 -8.53 -3.09
CA LEU A 110 -16.76 -8.11 -1.69
C LEU A 110 -18.23 -8.15 -1.26
N GLN A 111 -18.47 -8.14 0.05
CA GLN A 111 -19.83 -8.10 0.60
C GLN A 111 -19.80 -7.56 2.02
N GLU A 112 -20.51 -6.45 2.27
CA GLU A 112 -20.66 -5.93 3.64
C GLU A 112 -21.40 -6.98 4.45
N ILE A 113 -20.84 -7.34 5.60
CA ILE A 113 -21.45 -8.38 6.44
C ILE A 113 -21.85 -7.91 7.84
N GLY A 114 -21.38 -6.73 8.25
CA GLY A 114 -21.76 -6.20 9.54
C GLY A 114 -21.15 -4.86 9.85
N LYS A 115 -21.25 -4.49 11.12
CA LYS A 115 -20.74 -3.22 11.59
C LYS A 115 -20.60 -3.30 13.10
N GLY A 116 -19.88 -2.34 13.66
CA GLY A 116 -19.70 -2.29 15.09
C GLY A 116 -19.04 -1.04 15.58
N ILE A 117 -18.85 -1.00 16.90
CA ILE A 117 -18.17 0.07 17.59
C ILE A 117 -17.04 -0.58 18.36
N SER A 118 -15.85 0.00 18.24
CA SER A 118 -14.70 -0.45 19.01
C SER A 118 -14.81 0.09 20.43
N GLN A 119 -14.08 -0.52 21.37
CA GLN A 119 -14.00 0.01 22.72
C GLN A 119 -13.32 1.38 22.80
N ASP A 120 -12.56 1.75 21.76
CA ASP A 120 -12.01 3.10 21.66
C ASP A 120 -13.02 4.12 21.13
N GLY A 121 -14.22 3.63 20.78
CA GLY A 121 -15.33 4.50 20.41
C GLY A 121 -15.62 4.61 18.92
N HIS A 122 -14.67 4.23 18.08
CA HIS A 122 -14.82 4.44 16.64
C HIS A 122 -15.73 3.40 15.96
N HIS A 123 -16.40 3.87 14.91
CA HIS A 123 -17.37 3.07 14.17
C HIS A 123 -16.66 2.39 12.99
N PHE A 124 -17.04 1.16 12.67
CA PHE A 124 -16.50 0.49 11.49
C PHE A 124 -17.53 -0.34 10.75
N LEU A 125 -17.26 -0.59 9.47
CA LEU A 125 -18.00 -1.57 8.69
C LEU A 125 -17.12 -2.81 8.50
N VAL A 126 -17.75 -3.97 8.39
CA VAL A 126 -17.05 -5.22 8.14
C VAL A 126 -17.39 -5.74 6.74
N PHE A 127 -16.36 -6.05 5.98
CA PHE A 127 -16.52 -6.65 4.65
C PHE A 127 -15.84 -8.01 4.60
N ARG A 128 -16.43 -8.88 3.81
CA ARG A 128 -15.88 -10.20 3.58
C ARG A 128 -15.35 -10.28 2.14
N VAL A 129 -14.15 -10.84 1.96
CA VAL A 129 -13.60 -11.06 0.62
C VAL A 129 -14.05 -12.43 0.12
N ARG A 130 -14.81 -12.42 -0.98
CA ARG A 130 -15.22 -13.65 -1.64
C ARG A 130 -14.16 -14.05 -2.66
N LYS B 25 4.76 13.94 3.39
CA LYS B 25 5.14 12.55 2.98
C LYS B 25 5.62 11.74 4.18
N ALA B 26 5.26 10.46 4.17
CA ALA B 26 5.76 9.50 5.15
C ALA B 26 7.29 9.46 5.14
N SER B 27 7.88 9.01 6.24
CA SER B 27 9.31 8.73 6.29
C SER B 27 9.59 7.62 5.28
N ILE B 28 10.82 7.58 4.75
CA ILE B 28 11.16 6.58 3.75
C ILE B 28 11.06 5.14 4.33
N LYS B 29 11.42 4.97 5.60
CA LYS B 29 11.23 3.69 6.29
C LYS B 29 9.76 3.29 6.32
N ASP B 30 8.88 4.19 6.77
CA ASP B 30 7.44 3.92 6.76
C ASP B 30 6.92 3.67 5.35
N TRP B 31 7.42 4.43 4.37
CA TRP B 31 7.01 4.27 2.98
C TRP B 31 7.28 2.87 2.45
N ILE B 32 8.53 2.39 2.56
CA ILE B 32 8.86 1.07 2.03
C ILE B 32 8.19 -0.08 2.80
N VAL B 33 8.12 0.03 4.13
CA VAL B 33 7.44 -0.98 4.95
C VAL B 33 5.99 -1.14 4.48
N CYS B 34 5.33 -0.03 4.18
CA CYS B 34 3.96 -0.08 3.68
C CYS B 34 3.87 -0.74 2.31
N GLN B 35 4.84 -0.47 1.44
CA GLN B 35 4.88 -1.09 0.12
C GLN B 35 5.05 -2.60 0.23
N VAL B 36 5.94 -3.03 1.11
CA VAL B 36 6.16 -4.47 1.35
C VAL B 36 4.90 -5.10 1.93
N ASN B 37 4.38 -4.53 3.01
CA ASN B 37 3.12 -4.98 3.61
C ASN B 37 2.00 -5.16 2.58
N SER B 38 1.91 -4.21 1.65
CA SER B 38 0.77 -4.12 0.73
C SER B 38 0.58 -5.32 -0.18
N GLY B 39 1.68 -5.98 -0.53
CA GLY B 39 1.64 -7.09 -1.47
C GLY B 39 1.27 -6.70 -2.89
N LYS B 40 1.39 -5.40 -3.19
N LYS B 40 1.41 -5.42 -3.22
CA LYS B 40 1.12 -4.87 -4.52
CA LYS B 40 1.06 -4.93 -4.55
C LYS B 40 2.09 -5.48 -5.54
C LYS B 40 2.15 -5.22 -5.59
N PHE B 41 3.35 -5.59 -5.14
CA PHE B 41 4.44 -5.96 -6.04
C PHE B 41 4.99 -7.37 -5.77
N PRO B 42 4.98 -8.23 -6.81
CA PRO B 42 5.54 -9.58 -6.66
C PRO B 42 7.01 -9.49 -6.29
N GLY B 43 7.44 -10.28 -5.30
CA GLY B 43 8.82 -10.28 -4.86
C GLY B 43 9.21 -9.22 -3.83
N VAL B 44 8.38 -8.19 -3.71
CA VAL B 44 8.56 -7.16 -2.69
C VAL B 44 7.83 -7.67 -1.45
N GLU B 45 8.56 -8.40 -0.62
CA GLU B 45 7.96 -9.29 0.39
C GLU B 45 8.82 -9.43 1.64
N TRP B 46 8.16 -9.82 2.73
CA TRP B 46 8.85 -10.13 3.99
C TRP B 46 9.53 -11.49 3.94
N GLU B 47 10.65 -11.62 4.63
CA GLU B 47 11.30 -12.92 4.78
C GLU B 47 10.76 -13.65 6.00
N ASP B 48 10.34 -12.88 7.00
CA ASP B 48 9.92 -13.45 8.26
C ASP B 48 8.54 -12.96 8.70
N GLU B 49 7.86 -13.80 9.46
CA GLU B 49 6.57 -13.45 10.08
C GLU B 49 6.70 -12.22 10.98
N GLU B 50 7.90 -12.01 11.51
CA GLU B 50 8.18 -10.90 12.43
C GLU B 50 8.41 -9.57 11.71
N ARG B 51 8.47 -9.63 10.38
CA ARG B 51 8.63 -8.45 9.50
C ARG B 51 9.82 -7.58 9.87
N THR B 52 10.98 -8.23 9.97
CA THR B 52 12.23 -7.54 10.27
C THR B 52 13.15 -7.53 9.05
N ARG B 53 12.90 -8.43 8.10
CA ARG B 53 13.70 -8.51 6.88
C ARG B 53 12.81 -8.57 5.65
N PHE B 54 13.08 -7.69 4.70
CA PHE B 54 12.35 -7.69 3.42
C PHE B 54 13.26 -7.79 2.20
N ARG B 55 12.67 -8.20 1.08
CA ARG B 55 13.38 -8.37 -0.18
C ARG B 55 12.91 -7.35 -1.21
N ILE B 56 13.87 -6.83 -1.98
CA ILE B 56 13.59 -5.94 -3.10
C ILE B 56 14.17 -6.58 -4.36
N PRO B 57 13.31 -6.95 -5.32
CA PRO B 57 13.81 -7.54 -6.57
C PRO B 57 14.70 -6.56 -7.33
N VAL B 58 15.85 -7.04 -7.80
CA VAL B 58 16.82 -6.22 -8.50
C VAL B 58 17.36 -6.88 -9.76
N THR B 59 16.55 -7.73 -10.39
CA THR B 59 16.94 -8.38 -11.63
C THR B 59 17.33 -7.31 -12.66
N PRO B 60 18.52 -7.45 -13.28
CA PRO B 60 18.95 -6.51 -14.30
C PRO B 60 18.02 -6.52 -15.52
N LEU B 61 17.90 -5.36 -16.17
CA LEU B 61 16.97 -5.12 -17.26
C LEU B 61 17.14 -6.06 -18.45
N ALA B 62 18.38 -6.41 -18.76
CA ALA B 62 18.66 -7.25 -19.93
C ALA B 62 18.81 -8.75 -19.60
N ASP B 63 18.57 -9.08 -18.32
CA ASP B 63 18.56 -10.47 -17.84
C ASP B 63 17.29 -11.18 -18.35
N PRO B 64 17.40 -12.44 -18.81
CA PRO B 64 16.21 -13.14 -19.32
C PRO B 64 15.05 -13.30 -18.33
N CYS B 65 15.32 -13.15 -17.04
CA CYS B 65 14.29 -13.29 -16.01
C CYS B 65 13.63 -11.97 -15.59
N PHE B 66 13.98 -10.86 -16.23
CA PHE B 66 13.41 -9.55 -15.86
C PHE B 66 11.90 -9.53 -16.08
N GLU B 67 11.18 -9.12 -15.04
N GLU B 67 11.16 -9.19 -15.03
CA GLU B 67 9.71 -8.99 -15.06
CA GLU B 67 9.74 -8.94 -15.15
C GLU B 67 9.32 -7.62 -14.53
C GLU B 67 9.47 -7.56 -14.61
N TRP B 68 8.76 -6.76 -15.40
CA TRP B 68 8.45 -5.39 -15.03
C TRP B 68 7.72 -5.20 -13.70
N ARG B 69 6.64 -5.94 -13.50
CA ARG B 69 5.82 -5.76 -12.29
C ARG B 69 6.58 -6.07 -10.99
N ARG B 70 7.59 -6.93 -11.10
CA ARG B 70 8.43 -7.33 -9.98
C ARG B 70 9.70 -6.48 -9.86
N ASP B 71 10.42 -6.32 -10.97
CA ASP B 71 11.76 -5.74 -10.96
C ASP B 71 11.81 -4.25 -11.33
N GLY B 72 10.71 -3.72 -11.87
CA GLY B 72 10.71 -2.35 -12.38
C GLY B 72 9.71 -1.39 -11.76
N GLU B 73 8.48 -1.87 -11.55
CA GLU B 73 7.38 -1.00 -11.15
C GLU B 73 7.61 -0.24 -9.85
N LEU B 74 8.07 -0.94 -8.81
CA LEU B 74 8.28 -0.31 -7.51
C LEU B 74 9.21 0.90 -7.61
N GLY B 75 10.30 0.75 -8.35
CA GLY B 75 11.21 1.86 -8.61
C GLY B 75 10.53 3.07 -9.23
N VAL B 76 9.61 2.85 -10.15
CA VAL B 76 8.88 3.97 -10.76
C VAL B 76 7.90 4.58 -9.76
N VAL B 77 7.24 3.74 -8.97
CA VAL B 77 6.37 4.22 -7.90
C VAL B 77 7.16 5.11 -6.93
N TYR B 78 8.39 4.70 -6.60
CA TYR B 78 9.26 5.53 -5.80
C TYR B 78 9.45 6.92 -6.40
N ILE B 79 9.79 6.97 -7.68
CA ILE B 79 10.03 8.24 -8.37
C ILE B 79 8.78 9.10 -8.46
N ARG B 80 7.65 8.47 -8.78
CA ARG B 80 6.37 9.18 -8.85
C ARG B 80 5.94 9.78 -7.53
N GLU B 81 6.10 9.01 -6.45
CA GLU B 81 5.62 9.39 -5.12
C GLU B 81 6.59 10.22 -4.30
N ARG B 82 7.90 10.01 -4.51
CA ARG B 82 8.90 10.68 -3.66
C ARG B 82 9.68 11.80 -4.37
N GLY B 83 9.86 11.68 -5.69
CA GLY B 83 10.61 12.67 -6.46
C GLY B 83 9.80 13.89 -6.87
N ASN B 84 10.49 14.95 -7.29
CA ASN B 84 9.85 16.16 -7.77
C ASN B 84 10.07 16.42 -9.26
N MET B 85 10.95 15.63 -9.87
CA MET B 85 11.31 15.80 -11.29
C MET B 85 10.32 15.10 -12.22
N PRO B 86 10.14 15.63 -13.44
CA PRO B 86 9.23 14.97 -14.39
C PRO B 86 9.59 13.52 -14.61
N VAL B 87 8.58 12.66 -14.56
CA VAL B 87 8.77 11.22 -14.74
C VAL B 87 8.68 10.91 -16.23
N ASP B 88 9.80 11.10 -16.92
CA ASP B 88 9.85 10.92 -18.38
C ASP B 88 10.28 9.51 -18.76
N ALA B 89 10.53 9.30 -20.05
CA ALA B 89 10.90 7.99 -20.58
C ALA B 89 12.18 7.42 -19.98
N SER B 90 13.03 8.29 -19.43
CA SER B 90 14.28 7.87 -18.78
C SER B 90 14.04 6.87 -17.64
N PHE B 91 12.81 6.81 -17.12
CA PHE B 91 12.47 5.88 -16.05
C PHE B 91 11.74 4.61 -16.53
N LYS B 92 11.85 4.28 -17.81
CA LYS B 92 11.17 3.09 -18.32
C LYS B 92 11.99 1.82 -18.13
N GLY B 93 13.11 1.96 -17.45
CA GLY B 93 14.00 0.84 -17.14
C GLY B 93 14.16 0.73 -15.64
N THR B 94 15.43 0.72 -15.19
CA THR B 94 15.72 0.54 -13.78
C THR B 94 16.29 1.78 -13.08
N ARG B 95 16.18 2.93 -13.74
CA ARG B 95 16.68 4.21 -13.17
C ARG B 95 16.02 4.54 -11.83
N GLY B 96 14.70 4.39 -11.76
CA GLY B 96 13.94 4.69 -10.55
C GLY B 96 14.27 3.75 -9.40
N ARG B 97 14.40 2.47 -9.72
CA ARG B 97 14.81 1.45 -8.76
C ARG B 97 16.18 1.80 -8.18
N ARG B 98 17.09 2.19 -9.05
CA ARG B 98 18.42 2.62 -8.65
C ARG B 98 18.36 3.76 -7.63
N ARG B 99 17.57 4.80 -7.92
CA ARG B 99 17.41 5.91 -6.98
C ARG B 99 16.77 5.47 -5.67
N MET B 100 15.79 4.59 -5.79
CA MET B 100 15.12 4.05 -4.61
C MET B 100 16.07 3.26 -3.70
N LEU B 101 16.87 2.37 -4.29
CA LEU B 101 17.79 1.54 -3.51
C LEU B 101 18.80 2.39 -2.74
N ALA B 102 19.28 3.44 -3.40
CA ALA B 102 20.20 4.39 -2.78
C ALA B 102 19.57 5.04 -1.57
N ALA B 103 18.31 5.47 -1.71
CA ALA B 103 17.57 6.06 -0.61
C ALA B 103 17.38 5.07 0.53
N LEU B 104 17.09 3.82 0.20
CA LEU B 104 16.90 2.77 1.22
C LEU B 104 18.16 2.49 2.01
N ARG B 105 19.30 2.43 1.32
CA ARG B 105 20.59 2.16 1.96
C ARG B 105 20.99 3.26 2.92
N ARG B 106 20.59 4.49 2.58
CA ARG B 106 21.02 5.68 3.30
C ARG B 106 20.15 6.00 4.52
N THR B 107 18.95 5.43 4.58
CA THR B 107 18.04 5.71 5.69
C THR B 107 18.46 4.99 6.96
N ARG B 108 18.42 5.71 8.08
CA ARG B 108 18.97 5.20 9.34
C ARG B 108 18.19 4.04 9.96
N GLY B 109 16.92 3.89 9.59
CA GLY B 109 16.09 2.80 10.10
C GLY B 109 16.26 1.48 9.36
N LEU B 110 17.07 1.48 8.30
CA LEU B 110 17.26 0.30 7.45
C LEU B 110 18.73 -0.02 7.21
N GLN B 111 19.00 -1.29 6.91
CA GLN B 111 20.36 -1.75 6.62
C GLN B 111 20.31 -2.86 5.56
N GLU B 112 21.02 -2.67 4.46
CA GLU B 112 21.16 -3.75 3.47
C GLU B 112 22.05 -4.82 4.06
N ILE B 113 21.53 -6.04 4.12
CA ILE B 113 22.24 -7.13 4.81
C ILE B 113 22.58 -8.32 3.92
N GLY B 114 22.10 -8.32 2.67
CA GLY B 114 22.40 -9.43 1.80
C GLY B 114 21.79 -9.35 0.42
N LYS B 115 22.06 -10.39 -0.37
CA LYS B 115 21.55 -10.50 -1.72
C LYS B 115 21.29 -11.96 -1.99
N GLY B 116 20.35 -12.23 -2.87
CA GLY B 116 20.01 -13.59 -3.20
C GLY B 116 19.53 -13.78 -4.62
N ILE B 117 19.35 -15.04 -4.98
CA ILE B 117 18.74 -15.43 -6.24
C ILE B 117 17.72 -16.52 -5.92
N SER B 118 16.56 -16.46 -6.58
CA SER B 118 15.48 -17.42 -6.36
C SER B 118 15.42 -18.47 -7.46
N GLN B 119 14.62 -19.51 -7.23
CA GLN B 119 14.49 -20.62 -8.17
C GLN B 119 13.84 -20.23 -9.51
N ASP B 120 13.09 -19.13 -9.52
CA ASP B 120 12.57 -18.58 -10.78
C ASP B 120 13.59 -17.71 -11.49
N GLY B 121 14.76 -17.53 -10.86
CA GLY B 121 15.89 -16.85 -11.49
C GLY B 121 16.12 -15.40 -11.13
N HIS B 122 15.13 -14.78 -10.48
CA HIS B 122 15.23 -13.35 -10.17
C HIS B 122 16.21 -13.07 -9.02
N HIS B 123 16.85 -11.90 -9.08
CA HIS B 123 17.79 -11.46 -8.06
C HIS B 123 17.07 -10.58 -7.06
N PHE B 124 17.54 -10.57 -5.82
CA PHE B 124 16.99 -9.67 -4.81
C PHE B 124 18.05 -9.19 -3.82
N LEU B 125 17.76 -8.04 -3.21
CA LEU B 125 18.52 -7.54 -2.08
C LEU B 125 17.69 -7.72 -0.82
N VAL B 126 18.37 -7.91 0.31
CA VAL B 126 17.70 -8.08 1.60
C VAL B 126 18.04 -6.88 2.50
N PHE B 127 16.99 -6.26 3.04
CA PHE B 127 17.13 -5.19 4.02
C PHE B 127 16.56 -5.60 5.36
N ARG B 128 17.23 -5.16 6.43
CA ARG B 128 16.72 -5.35 7.79
C ARG B 128 16.11 -4.05 8.31
N VAL B 129 14.92 -4.16 8.91
CA VAL B 129 14.31 -3.04 9.63
C VAL B 129 14.83 -3.08 11.06
N ARG B 130 15.48 -1.99 11.48
CA ARG B 130 16.26 -1.97 12.72
C ARG B 130 15.43 -1.86 14.01
#